data_1B5H
#
_entry.id   1B5H
#
_cell.length_a   109.450
_cell.length_b   75.790
_cell.length_c   70.190
_cell.angle_alpha   90.00
_cell.angle_beta   90.00
_cell.angle_gamma   90.00
#
_symmetry.space_group_name_H-M   'P 21 21 21'
#
loop_
_entity.id
_entity.type
_entity.pdbx_description
1 polymer 'OLIGO-PEPTIDE BINDING PROTEIN'
2 polymer 'LYS-DPP-LYS PEPTIDE'
3 non-polymer 'URANIUM ATOM'
4 water water
#
loop_
_entity_poly.entity_id
_entity_poly.type
_entity_poly.pdbx_seq_one_letter_code
_entity_poly.pdbx_strand_id
1 'polypeptide(L)'
;ADVPAGVQLADKQTLVRNNGSEVQSLDPHKIEGVPESNVSRDLFEGLLISDVEGHPSPGVAEKWENKDFKVWTFHLRENA
KWSDGTPVTAHDFVYSWQRLADPNTASPYASYLQYGHIANIDDIIAGKKPATDLGVKALDDHTFEVTLSEPVPYFYKLLV
HPSVSPVPKSAVEKFGDKWTQPANIVTNGAYKLKNWVVNERIVLERNPQYWDNAKTVINQVTYLPISSEVTDVNRYRSGE
IDMTYNNMPIELFQKLKKEIPNEVRVDPYLCTYYYEINNQKAPFNDVRVRTALKLALDRDIIVNKVKNQGDLPAYSYTPP
YTDGAKLVEPEWFKWSQQKRNEEAKKLLAEAGFTADKPLTFDLLYNTSDLHKKLAIAVASIWKKNLGVNVNLENQEWKTF
LDTRHQGTFDVARAGWCADYNEPTSFLNTMLSDSSNNTAHYKSPAFDKLIADTLKVADDTQRSELYAKAEQQLDKDSAIV
PVYYYVNARLVKPWVGGYTGKDPLDNIYVKNLYIIKH
;
A
2 'polypeptide(L)' K(DPP)K B
#
# COMPACT_ATOMS: atom_id res chain seq x y z
N ALA A 1 -3.88 9.21 -21.79
CA ALA A 1 -4.80 10.22 -21.23
C ALA A 1 -5.92 10.47 -22.25
N ASP A 2 -7.11 10.80 -21.76
CA ASP A 2 -8.20 11.15 -22.69
C ASP A 2 -8.51 12.62 -22.53
N VAL A 3 -7.92 13.49 -23.34
CA VAL A 3 -8.13 14.94 -23.15
C VAL A 3 -9.50 15.38 -23.68
N PRO A 4 -10.36 15.94 -22.85
CA PRO A 4 -11.68 16.38 -23.24
C PRO A 4 -11.70 17.37 -24.38
N ALA A 5 -12.75 17.28 -25.21
CA ALA A 5 -12.93 18.15 -26.37
C ALA A 5 -12.84 19.60 -25.91
N GLY A 6 -12.10 20.46 -26.60
CA GLY A 6 -12.04 21.85 -26.15
C GLY A 6 -11.06 22.19 -25.07
N VAL A 7 -10.35 21.24 -24.42
CA VAL A 7 -9.39 21.75 -23.43
C VAL A 7 -8.16 22.15 -24.24
N GLN A 8 -7.57 23.26 -23.86
CA GLN A 8 -6.34 23.73 -24.51
C GLN A 8 -5.15 23.15 -23.74
N LEU A 9 -4.26 22.44 -24.40
CA LEU A 9 -3.11 21.89 -23.69
C LEU A 9 -1.98 22.91 -23.57
N ALA A 10 -1.25 22.81 -22.45
CA ALA A 10 -0.06 23.64 -22.30
C ALA A 10 0.95 23.17 -23.35
N ASP A 11 1.81 24.08 -23.78
CA ASP A 11 2.86 23.69 -24.73
C ASP A 11 3.80 22.69 -24.01
N LYS A 12 4.12 23.02 -22.77
CA LYS A 12 5.06 22.22 -22.01
C LYS A 12 4.29 21.19 -21.17
N GLN A 13 4.50 19.92 -21.50
CA GLN A 13 3.76 18.88 -20.75
C GLN A 13 4.62 18.17 -19.73
N THR A 14 4.96 18.82 -18.61
CA THR A 14 5.77 18.25 -17.54
C THR A 14 5.04 18.38 -16.21
N LEU A 15 5.36 17.49 -15.28
CA LEU A 15 4.65 17.35 -14.03
C LEU A 15 5.65 17.13 -12.92
N VAL A 16 5.36 17.71 -11.77
CA VAL A 16 6.25 17.51 -10.61
C VAL A 16 5.31 17.03 -9.50
N ARG A 17 5.60 15.83 -9.00
CA ARG A 17 4.78 15.29 -7.92
C ARG A 17 5.62 15.07 -6.69
N ASN A 18 5.12 15.34 -5.49
CA ASN A 18 5.87 14.98 -4.31
C ASN A 18 5.52 13.50 -4.04
N ASN A 19 6.43 12.71 -3.51
CA ASN A 19 6.20 11.28 -3.38
C ASN A 19 6.44 10.79 -1.95
N GLY A 20 6.45 11.73 -1.02
CA GLY A 20 6.52 11.39 0.42
C GLY A 20 7.90 11.07 0.95
N SER A 21 8.71 10.25 0.31
CA SER A 21 10.03 9.88 0.79
C SER A 21 10.86 9.30 -0.33
N GLU A 22 12.11 9.01 0.01
CA GLU A 22 12.98 8.30 -0.91
C GLU A 22 12.46 6.86 -1.04
N VAL A 23 12.38 6.35 -2.27
CA VAL A 23 11.86 5.01 -2.44
C VAL A 23 12.80 3.95 -1.89
N GLN A 24 12.22 2.84 -1.45
CA GLN A 24 13.00 1.69 -1.02
C GLN A 24 13.85 1.19 -2.23
N SER A 25 13.21 1.16 -3.40
CA SER A 25 13.90 0.61 -4.57
C SER A 25 13.07 0.90 -5.80
N LEU A 26 13.57 0.67 -7.02
CA LEU A 26 12.74 0.71 -8.22
C LEU A 26 12.49 -0.70 -8.76
N ASP A 27 12.97 -1.71 -8.03
CA ASP A 27 12.77 -3.12 -8.42
C ASP A 27 11.42 -3.56 -7.88
N PRO A 28 10.48 -3.91 -8.74
CA PRO A 28 9.15 -4.32 -8.38
C PRO A 28 9.07 -5.44 -7.35
N HIS A 29 10.10 -6.27 -7.24
CA HIS A 29 10.11 -7.36 -6.26
C HIS A 29 10.75 -6.94 -4.94
N LYS A 30 11.25 -5.71 -4.82
CA LYS A 30 11.87 -5.35 -3.53
C LYS A 30 11.07 -4.24 -2.86
N ILE A 31 9.85 -3.95 -3.29
CA ILE A 31 9.14 -2.78 -2.76
C ILE A 31 7.83 -3.16 -2.08
N GLU A 32 7.41 -2.28 -1.16
CA GLU A 32 6.09 -2.60 -0.54
C GLU A 32 5.27 -1.39 -0.21
N GLY A 33 5.77 -0.18 -0.51
CA GLY A 33 5.03 1.02 -0.04
C GLY A 33 4.41 1.84 -1.17
N VAL A 34 3.64 2.84 -0.73
CA VAL A 34 2.94 3.75 -1.64
C VAL A 34 3.86 4.60 -2.48
N PRO A 35 4.90 5.18 -1.90
CA PRO A 35 5.85 5.97 -2.69
C PRO A 35 6.52 5.08 -3.75
N GLU A 36 6.81 3.83 -3.38
CA GLU A 36 7.49 2.92 -4.33
C GLU A 36 6.54 2.57 -5.46
N SER A 37 5.28 2.36 -5.07
CA SER A 37 4.27 1.92 -6.06
C SER A 37 3.90 3.05 -6.99
N ASN A 38 3.99 4.27 -6.48
CA ASN A 38 3.69 5.46 -7.29
C ASN A 38 4.62 5.54 -8.50
N VAL A 39 5.92 5.36 -8.26
CA VAL A 39 6.90 5.35 -9.34
C VAL A 39 6.73 4.09 -10.16
N SER A 40 6.58 2.92 -9.51
CA SER A 40 6.48 1.66 -10.26
C SER A 40 5.39 1.65 -11.30
N ARG A 41 4.23 2.27 -11.04
CA ARG A 41 3.16 2.25 -12.05
C ARG A 41 3.52 2.98 -13.34
N ASP A 42 4.35 4.02 -13.28
CA ASP A 42 4.79 4.70 -14.48
C ASP A 42 5.86 3.90 -15.25
N LEU A 43 6.61 3.07 -14.54
CA LEU A 43 7.69 2.34 -15.22
C LEU A 43 7.41 0.91 -15.65
N PHE A 44 6.75 0.12 -14.82
CA PHE A 44 6.49 -1.28 -15.11
C PHE A 44 5.00 -1.57 -15.20
N GLU A 45 4.62 -2.26 -16.28
CA GLU A 45 3.19 -2.55 -16.49
C GLU A 45 2.92 -4.05 -16.52
N GLY A 46 2.01 -4.47 -15.65
CA GLY A 46 1.62 -5.86 -15.55
C GLY A 46 0.50 -6.26 -16.50
N LEU A 47 -0.14 -7.40 -16.18
CA LEU A 47 -1.17 -7.99 -17.02
C LEU A 47 -2.35 -7.03 -17.18
N LEU A 48 -2.82 -6.51 -16.05
CA LEU A 48 -3.91 -5.52 -16.01
C LEU A 48 -3.40 -4.24 -15.35
N ILE A 49 -4.12 -3.12 -15.54
CA ILE A 49 -3.78 -1.86 -14.87
C ILE A 49 -5.10 -1.28 -14.37
N SER A 50 -5.10 -0.28 -13.50
CA SER A 50 -6.36 0.36 -13.17
C SER A 50 -6.64 1.42 -14.22
N ASP A 51 -7.92 1.64 -14.56
CA ASP A 51 -8.21 2.76 -15.46
C ASP A 51 -8.18 4.04 -14.63
N VAL A 52 -8.61 5.17 -15.16
CA VAL A 52 -8.55 6.43 -14.42
C VAL A 52 -9.52 6.44 -13.25
N GLU A 53 -10.48 5.53 -13.15
CA GLU A 53 -11.38 5.52 -12.01
C GLU A 53 -11.04 4.36 -11.10
N GLY A 54 -10.00 3.58 -11.41
CA GLY A 54 -9.62 2.47 -10.54
C GLY A 54 -10.11 1.09 -10.95
N HIS A 55 -10.92 0.95 -12.02
CA HIS A 55 -11.38 -0.39 -12.37
C HIS A 55 -10.25 -1.18 -13.06
N PRO A 56 -10.14 -2.45 -12.71
CA PRO A 56 -9.13 -3.32 -13.31
C PRO A 56 -9.39 -3.31 -14.81
N SER A 57 -8.38 -3.11 -15.63
CA SER A 57 -8.53 -2.95 -17.06
C SER A 57 -7.32 -3.55 -17.76
N PRO A 58 -7.43 -3.66 -19.09
CA PRO A 58 -6.32 -4.25 -19.85
C PRO A 58 -4.98 -3.57 -19.65
N GLY A 59 -3.94 -4.35 -19.35
CA GLY A 59 -2.57 -3.77 -19.23
C GLY A 59 -1.80 -4.44 -20.36
N VAL A 60 -0.79 -5.25 -20.08
CA VAL A 60 -0.13 -6.00 -21.17
C VAL A 60 -1.11 -7.02 -21.74
N ALA A 61 -1.98 -7.60 -20.91
CA ALA A 61 -2.99 -8.51 -21.40
C ALA A 61 -4.14 -7.72 -22.00
N GLU A 62 -4.49 -8.00 -23.27
CA GLU A 62 -5.63 -7.25 -23.85
C GLU A 62 -6.95 -7.94 -23.51
N LYS A 63 -6.91 -9.25 -23.24
CA LYS A 63 -8.13 -9.96 -22.85
C LYS A 63 -7.75 -11.26 -22.11
N TRP A 64 -8.71 -11.78 -21.35
CA TRP A 64 -8.39 -12.96 -20.53
C TRP A 64 -9.65 -13.74 -20.23
N GLU A 65 -9.50 -15.01 -19.89
CA GLU A 65 -10.60 -15.89 -19.56
C GLU A 65 -10.21 -16.71 -18.33
N ASN A 66 -11.20 -17.30 -17.70
CA ASN A 66 -10.92 -18.17 -16.56
C ASN A 66 -11.77 -19.45 -16.69
N LYS A 67 -11.21 -20.54 -16.22
CA LYS A 67 -11.93 -21.82 -16.16
C LYS A 67 -12.13 -22.11 -14.68
N ASP A 68 -13.39 -22.09 -14.24
CA ASP A 68 -13.78 -22.33 -12.87
C ASP A 68 -13.07 -21.46 -11.85
N PHE A 69 -12.63 -20.26 -12.25
CA PHE A 69 -11.87 -19.37 -11.40
C PHE A 69 -10.57 -20.00 -10.92
N LYS A 70 -10.04 -21.02 -11.60
CA LYS A 70 -8.82 -21.68 -11.17
C LYS A 70 -7.74 -21.59 -12.21
N VAL A 71 -8.13 -21.62 -13.50
CA VAL A 71 -7.14 -21.51 -14.55
C VAL A 71 -7.43 -20.23 -15.33
N TRP A 72 -6.49 -19.29 -15.24
CA TRP A 72 -6.62 -17.98 -15.86
C TRP A 72 -5.69 -17.81 -17.05
N THR A 73 -6.25 -17.50 -18.21
CA THR A 73 -5.48 -17.36 -19.46
C THR A 73 -5.47 -15.93 -19.94
N PHE A 74 -4.27 -15.35 -20.06
CA PHE A 74 -4.13 -13.94 -20.42
C PHE A 74 -3.53 -13.81 -21.82
N HIS A 75 -4.27 -13.13 -22.69
CA HIS A 75 -3.84 -12.91 -24.07
C HIS A 75 -3.08 -11.61 -24.17
N LEU A 76 -1.75 -11.65 -24.32
CA LEU A 76 -0.91 -10.49 -24.32
C LEU A 76 -0.92 -9.77 -25.66
N ARG A 77 -1.05 -8.43 -25.59
CA ARG A 77 -1.13 -7.67 -26.86
C ARG A 77 0.15 -7.86 -27.65
N GLU A 78 0.01 -8.05 -28.98
CA GLU A 78 1.23 -8.27 -29.78
C GLU A 78 2.21 -7.13 -29.82
N ASN A 79 1.81 -5.88 -29.64
CA ASN A 79 2.76 -4.76 -29.71
C ASN A 79 3.30 -4.28 -28.38
N ALA A 80 3.17 -5.07 -27.31
CA ALA A 80 3.67 -4.64 -26.00
C ALA A 80 5.18 -4.71 -26.09
N LYS A 81 5.91 -3.63 -25.78
CA LYS A 81 7.35 -3.66 -25.87
C LYS A 81 8.00 -3.03 -24.62
N TRP A 82 9.24 -3.38 -24.36
CA TRP A 82 10.10 -2.79 -23.36
C TRP A 82 10.70 -1.52 -23.98
N SER A 83 11.32 -0.67 -23.18
CA SER A 83 11.92 0.59 -23.64
C SER A 83 13.11 0.43 -24.59
N ASP A 84 13.71 -0.77 -24.64
CA ASP A 84 14.79 -1.04 -25.57
C ASP A 84 14.23 -1.55 -26.91
N GLY A 85 12.93 -1.60 -27.08
CA GLY A 85 12.31 -2.06 -28.31
C GLY A 85 11.90 -3.51 -28.39
N THR A 86 12.39 -4.34 -27.47
CA THR A 86 12.09 -5.77 -27.45
C THR A 86 10.70 -6.05 -26.94
N PRO A 87 10.08 -7.10 -27.45
CA PRO A 87 8.74 -7.49 -27.08
C PRO A 87 8.60 -7.89 -25.62
N VAL A 88 7.46 -7.52 -25.05
CA VAL A 88 7.10 -8.04 -23.73
C VAL A 88 6.41 -9.37 -24.02
N THR A 89 6.85 -10.46 -23.42
CA THR A 89 6.22 -11.75 -23.72
C THR A 89 5.67 -12.42 -22.48
N ALA A 90 4.96 -13.55 -22.64
CA ALA A 90 4.54 -14.34 -21.50
C ALA A 90 5.75 -14.92 -20.77
N HIS A 91 6.88 -15.15 -21.45
CA HIS A 91 8.10 -15.65 -20.82
C HIS A 91 8.61 -14.62 -19.78
N ASP A 92 8.48 -13.33 -20.08
CA ASP A 92 8.84 -12.32 -19.09
C ASP A 92 8.04 -12.50 -17.80
N PHE A 93 6.71 -12.74 -17.92
CA PHE A 93 5.90 -12.92 -16.72
C PHE A 93 6.25 -14.20 -16.00
N VAL A 94 6.59 -15.26 -16.73
CA VAL A 94 6.97 -16.53 -16.11
C VAL A 94 8.21 -16.30 -15.25
N TYR A 95 9.23 -15.70 -15.83
CA TYR A 95 10.48 -15.44 -15.10
C TYR A 95 10.15 -14.55 -13.90
N SER A 96 9.40 -13.49 -14.17
CA SER A 96 9.12 -12.52 -13.10
C SER A 96 8.37 -13.08 -11.91
N TRP A 97 7.28 -13.81 -12.13
CA TRP A 97 6.55 -14.38 -10.98
C TRP A 97 7.37 -15.45 -10.30
N GLN A 98 8.25 -16.16 -11.03
CA GLN A 98 9.14 -17.10 -10.35
C GLN A 98 10.12 -16.37 -9.44
N ARG A 99 10.70 -15.28 -9.91
CA ARG A 99 11.63 -14.46 -9.17
C ARG A 99 10.93 -13.88 -7.93
N LEU A 100 9.68 -13.43 -8.09
CA LEU A 100 8.94 -12.98 -6.91
C LEU A 100 8.83 -14.06 -5.84
N ALA A 101 8.51 -15.29 -6.26
CA ALA A 101 8.32 -16.43 -5.39
C ALA A 101 9.59 -16.94 -4.70
N ASP A 102 10.71 -16.77 -5.37
CA ASP A 102 11.99 -17.31 -4.93
C ASP A 102 12.46 -16.66 -3.62
N PRO A 103 12.67 -17.46 -2.60
CA PRO A 103 13.10 -17.00 -1.29
C PRO A 103 14.39 -16.23 -1.31
N ASN A 104 15.29 -16.52 -2.27
CA ASN A 104 16.52 -15.81 -2.46
C ASN A 104 16.28 -14.35 -2.85
N THR A 105 15.14 -14.04 -3.48
CA THR A 105 14.82 -12.64 -3.79
C THR A 105 14.38 -11.88 -2.53
N ALA A 106 13.91 -12.60 -1.51
CA ALA A 106 13.47 -12.01 -0.26
C ALA A 106 12.50 -10.86 -0.47
N SER A 107 11.49 -11.07 -1.34
CA SER A 107 10.55 -9.97 -1.57
C SER A 107 9.63 -9.84 -0.36
N PRO A 108 9.37 -8.61 0.05
CA PRO A 108 8.32 -8.38 1.07
C PRO A 108 6.95 -8.79 0.57
N TYR A 109 6.77 -8.87 -0.76
CA TYR A 109 5.52 -9.25 -1.38
C TYR A 109 5.56 -10.65 -1.98
N ALA A 110 6.50 -11.49 -1.50
CA ALA A 110 6.48 -12.90 -1.92
C ALA A 110 5.13 -13.54 -1.68
N SER A 111 4.44 -13.28 -0.55
CA SER A 111 3.15 -13.84 -0.22
C SER A 111 1.99 -13.35 -1.07
N TYR A 112 2.20 -12.35 -1.94
CA TYR A 112 1.16 -11.92 -2.88
C TYR A 112 0.75 -13.11 -3.74
N LEU A 113 1.69 -14.04 -4.04
CA LEU A 113 1.36 -15.22 -4.83
C LEU A 113 0.59 -16.24 -3.98
N GLN A 114 0.70 -16.20 -2.65
CA GLN A 114 -0.13 -17.01 -1.77
C GLN A 114 -1.52 -16.37 -1.73
N TYR A 115 -1.58 -15.02 -1.77
CA TYR A 115 -2.90 -14.37 -1.74
C TYR A 115 -3.73 -14.75 -2.96
N GLY A 116 -3.03 -14.90 -4.11
CA GLY A 116 -3.73 -15.35 -5.31
C GLY A 116 -3.85 -16.87 -5.38
N HIS A 117 -3.23 -17.63 -4.51
CA HIS A 117 -3.24 -19.08 -4.48
C HIS A 117 -2.67 -19.73 -5.73
N ILE A 118 -1.58 -19.21 -6.25
CA ILE A 118 -0.91 -19.80 -7.40
C ILE A 118 -0.38 -21.17 -6.96
N ALA A 119 -0.56 -22.19 -7.81
CA ALA A 119 -0.17 -23.54 -7.46
C ALA A 119 1.30 -23.61 -7.04
N ASN A 120 1.56 -24.39 -5.99
CA ASN A 120 2.83 -24.70 -5.40
C ASN A 120 3.55 -23.55 -4.67
N ILE A 121 2.90 -22.41 -4.47
CA ILE A 121 3.62 -21.29 -3.85
C ILE A 121 4.06 -21.59 -2.41
N ASP A 122 3.25 -22.23 -1.59
CA ASP A 122 3.67 -22.49 -0.19
C ASP A 122 4.99 -23.26 -0.14
N ASP A 123 5.11 -24.34 -0.90
CA ASP A 123 6.33 -25.13 -1.02
C ASP A 123 7.53 -24.35 -1.54
N ILE A 124 7.30 -23.44 -2.48
CA ILE A 124 8.37 -22.63 -3.03
C ILE A 124 8.86 -21.63 -1.98
N ILE A 125 7.93 -20.91 -1.34
CA ILE A 125 8.38 -19.98 -0.29
C ILE A 125 9.17 -20.71 0.80
N ALA A 126 8.75 -21.91 1.14
CA ALA A 126 9.41 -22.70 2.19
C ALA A 126 10.70 -23.33 1.73
N GLY A 127 11.13 -23.22 0.48
CA GLY A 127 12.37 -23.81 0.03
C GLY A 127 12.25 -25.29 -0.29
N LYS A 128 11.02 -25.82 -0.28
CA LYS A 128 10.78 -27.22 -0.54
C LYS A 128 10.79 -27.55 -2.02
N LYS A 129 10.38 -26.63 -2.87
CA LYS A 129 10.38 -26.83 -4.31
C LYS A 129 11.04 -25.59 -4.93
N PRO A 130 11.67 -25.78 -6.06
CA PRO A 130 12.29 -24.67 -6.76
C PRO A 130 11.21 -23.75 -7.32
N ALA A 131 11.58 -22.50 -7.59
CA ALA A 131 10.69 -21.46 -8.09
C ALA A 131 10.07 -21.82 -9.43
N THR A 132 10.85 -22.60 -10.22
CA THR A 132 10.33 -23.10 -11.48
C THR A 132 9.15 -24.02 -11.36
N ASP A 133 8.71 -24.48 -10.20
CA ASP A 133 7.50 -25.28 -10.11
C ASP A 133 6.26 -24.40 -9.91
N LEU A 134 6.42 -23.09 -9.90
CA LEU A 134 5.25 -22.21 -9.70
C LEU A 134 4.19 -22.47 -10.74
N GLY A 135 2.90 -22.40 -10.43
CA GLY A 135 1.88 -22.74 -11.45
C GLY A 135 1.61 -21.64 -12.47
N VAL A 136 2.63 -21.27 -13.22
CA VAL A 136 2.53 -20.30 -14.30
C VAL A 136 3.25 -20.93 -15.51
N LYS A 137 2.73 -20.61 -16.68
CA LYS A 137 3.39 -21.03 -17.93
C LYS A 137 3.08 -20.12 -19.08
N ALA A 138 4.04 -19.99 -20.00
CA ALA A 138 3.82 -19.25 -21.23
C ALA A 138 3.37 -20.36 -22.22
N LEU A 139 2.16 -20.27 -22.73
CA LEU A 139 1.70 -21.27 -23.70
C LEU A 139 2.29 -20.94 -25.06
N ASP A 140 2.64 -19.66 -25.25
CA ASP A 140 3.33 -19.14 -26.41
C ASP A 140 3.83 -17.74 -26.06
N ASP A 141 4.48 -17.01 -26.98
CA ASP A 141 5.00 -15.70 -26.58
C ASP A 141 3.89 -14.76 -26.13
N HIS A 142 2.63 -14.93 -26.56
CA HIS A 142 1.64 -13.90 -26.20
C HIS A 142 0.56 -14.48 -25.34
N THR A 143 0.85 -15.59 -24.66
CA THR A 143 -0.19 -16.21 -23.86
C THR A 143 0.34 -16.71 -22.51
N PHE A 144 -0.14 -16.12 -21.43
CA PHE A 144 0.32 -16.45 -20.08
C PHE A 144 -0.79 -17.15 -19.33
N GLU A 145 -0.54 -18.34 -18.79
CA GLU A 145 -1.58 -19.13 -18.13
C GLU A 145 -1.27 -19.36 -16.67
N VAL A 146 -2.23 -19.03 -15.82
CA VAL A 146 -1.94 -19.14 -14.37
C VAL A 146 -2.84 -20.21 -13.79
N THR A 147 -2.29 -21.14 -13.04
CA THR A 147 -3.09 -22.17 -12.41
C THR A 147 -3.13 -22.01 -10.90
N LEU A 148 -4.28 -21.84 -10.31
CA LEU A 148 -4.46 -21.70 -8.88
C LEU A 148 -4.85 -23.01 -8.21
N SER A 149 -4.58 -23.10 -6.92
CA SER A 149 -4.92 -24.32 -6.16
C SER A 149 -6.36 -24.36 -5.72
N GLU A 150 -7.11 -23.27 -5.90
CA GLU A 150 -8.53 -23.27 -5.58
C GLU A 150 -9.15 -22.07 -6.28
N PRO A 151 -10.45 -22.08 -6.45
CA PRO A 151 -11.13 -21.00 -7.12
C PRO A 151 -11.00 -19.69 -6.36
N VAL A 152 -10.60 -18.68 -7.14
CA VAL A 152 -10.47 -17.30 -6.64
C VAL A 152 -11.17 -16.38 -7.64
N PRO A 153 -12.43 -16.03 -7.40
CA PRO A 153 -13.23 -15.26 -8.36
C PRO A 153 -12.71 -13.86 -8.56
N TYR A 154 -12.08 -13.30 -7.51
CA TYR A 154 -11.43 -12.00 -7.60
C TYR A 154 -9.98 -12.02 -8.02
N PHE A 155 -9.38 -13.11 -8.46
CA PHE A 155 -7.96 -13.15 -8.80
C PHE A 155 -7.49 -12.05 -9.73
N TYR A 156 -8.20 -11.77 -10.82
CA TYR A 156 -7.74 -10.75 -11.76
C TYR A 156 -7.56 -9.39 -11.11
N LYS A 157 -8.30 -9.01 -10.07
CA LYS A 157 -8.17 -7.75 -9.36
C LYS A 157 -6.81 -7.57 -8.74
N LEU A 158 -6.16 -8.67 -8.33
CA LEU A 158 -4.83 -8.61 -7.79
C LEU A 158 -3.79 -8.10 -8.77
N LEU A 159 -3.97 -8.33 -10.08
CA LEU A 159 -2.94 -8.15 -11.07
C LEU A 159 -2.49 -6.76 -11.45
N VAL A 160 -3.06 -5.71 -10.87
CA VAL A 160 -2.53 -4.36 -11.06
C VAL A 160 -1.37 -4.04 -10.14
N HIS A 161 -0.99 -4.85 -9.17
CA HIS A 161 0.01 -4.53 -8.14
C HIS A 161 1.41 -4.62 -8.65
N PRO A 162 2.34 -3.76 -8.21
CA PRO A 162 3.70 -3.77 -8.74
C PRO A 162 4.40 -5.09 -8.57
N SER A 163 4.13 -5.87 -7.53
CA SER A 163 4.84 -7.15 -7.36
C SER A 163 4.61 -8.13 -8.49
N VAL A 164 3.52 -8.02 -9.24
CA VAL A 164 3.27 -8.92 -10.36
C VAL A 164 3.52 -8.26 -11.73
N SER A 165 4.27 -7.15 -11.74
CA SER A 165 4.74 -6.52 -12.99
C SER A 165 5.96 -7.30 -13.48
N PRO A 166 6.25 -7.28 -14.77
CA PRO A 166 7.42 -7.96 -15.29
C PRO A 166 8.68 -7.18 -15.01
N VAL A 167 9.79 -7.93 -14.90
CA VAL A 167 11.12 -7.34 -14.76
C VAL A 167 11.91 -7.94 -15.93
N PRO A 168 12.88 -7.20 -16.46
CA PRO A 168 13.66 -7.69 -17.62
C PRO A 168 14.82 -8.57 -17.16
N LYS A 169 14.72 -9.87 -17.38
CA LYS A 169 15.71 -10.86 -16.98
C LYS A 169 17.14 -10.54 -17.40
N SER A 170 17.34 -10.14 -18.66
CA SER A 170 18.72 -9.86 -19.10
C SER A 170 19.39 -8.75 -18.30
N ALA A 171 18.69 -7.67 -17.95
CA ALA A 171 19.27 -6.61 -17.16
C ALA A 171 19.51 -7.04 -15.72
N VAL A 172 18.53 -7.75 -15.15
CA VAL A 172 18.66 -8.25 -13.78
C VAL A 172 19.92 -9.14 -13.67
N GLU A 173 19.98 -10.11 -14.57
CA GLU A 173 21.08 -11.07 -14.56
C GLU A 173 22.44 -10.47 -14.84
N LYS A 174 22.48 -9.52 -15.75
CA LYS A 174 23.74 -8.88 -16.07
C LYS A 174 24.21 -7.89 -15.02
N PHE A 175 23.31 -7.08 -14.45
CA PHE A 175 23.73 -6.04 -13.52
C PHE A 175 23.35 -6.25 -12.07
N GLY A 176 22.68 -7.35 -11.73
CA GLY A 176 22.37 -7.65 -10.34
C GLY A 176 21.59 -6.48 -9.74
N ASP A 177 22.01 -6.01 -8.57
CA ASP A 177 21.37 -4.93 -7.87
C ASP A 177 21.52 -3.54 -8.46
N LYS A 178 22.31 -3.36 -9.52
CA LYS A 178 22.42 -2.08 -10.17
C LYS A 178 21.58 -2.10 -11.44
N TRP A 179 20.72 -3.11 -11.65
CA TRP A 179 19.91 -3.17 -12.87
C TRP A 179 18.97 -1.98 -13.01
N THR A 180 18.56 -1.36 -11.89
CA THR A 180 17.62 -0.25 -11.92
C THR A 180 18.29 1.11 -12.08
N GLN A 181 19.62 1.16 -12.25
CA GLN A 181 20.28 2.45 -12.48
C GLN A 181 19.83 2.90 -13.85
N PRO A 182 19.80 4.18 -14.14
CA PRO A 182 19.33 4.71 -15.41
C PRO A 182 20.12 4.18 -16.60
N ALA A 183 21.42 3.91 -16.44
CA ALA A 183 22.17 3.42 -17.61
C ALA A 183 21.83 1.98 -17.93
N ASN A 184 21.21 1.24 -17.01
CA ASN A 184 20.97 -0.17 -17.19
C ASN A 184 19.52 -0.63 -17.29
N ILE A 185 18.67 0.16 -16.63
CA ILE A 185 17.27 -0.27 -16.50
C ILE A 185 16.58 -0.32 -17.84
N VAL A 186 15.63 -1.21 -17.95
CA VAL A 186 14.74 -1.36 -19.10
C VAL A 186 13.30 -1.45 -18.59
N THR A 187 12.37 -0.66 -19.13
CA THR A 187 11.00 -0.61 -18.58
C THR A 187 9.90 -0.79 -19.62
N ASN A 188 8.71 -1.21 -19.20
CA ASN A 188 7.65 -1.47 -20.20
C ASN A 188 6.40 -0.63 -19.93
N GLY A 189 6.52 0.30 -18.98
CA GLY A 189 5.35 1.17 -18.73
C GLY A 189 5.40 2.38 -19.66
N ALA A 190 4.55 3.39 -19.39
CA ALA A 190 4.50 4.56 -20.25
C ALA A 190 5.74 5.43 -20.17
N TYR A 191 6.57 5.27 -19.13
CA TYR A 191 7.75 6.06 -18.91
C TYR A 191 9.03 5.23 -18.80
N LYS A 192 10.16 5.92 -18.88
CA LYS A 192 11.47 5.33 -18.77
C LYS A 192 12.19 6.12 -17.68
N LEU A 193 13.21 5.54 -17.07
CA LEU A 193 13.90 6.31 -16.03
C LEU A 193 14.99 7.21 -16.65
N LYS A 194 14.92 8.49 -16.38
CA LYS A 194 15.93 9.42 -16.87
C LYS A 194 17.03 9.72 -15.85
N ASN A 195 16.61 10.20 -14.67
CA ASN A 195 17.56 10.56 -13.63
C ASN A 195 17.10 9.97 -12.27
N TRP A 196 18.04 9.64 -11.41
CA TRP A 196 17.70 9.13 -10.08
C TRP A 196 18.80 9.62 -9.13
N VAL A 197 18.51 10.73 -8.46
CA VAL A 197 19.44 11.30 -7.48
C VAL A 197 18.84 11.07 -6.09
N VAL A 198 19.47 10.15 -5.35
CA VAL A 198 18.94 9.80 -4.03
C VAL A 198 18.74 11.01 -3.14
N ASN A 199 17.57 11.09 -2.54
CA ASN A 199 17.14 12.14 -1.65
C ASN A 199 17.00 13.46 -2.38
N GLU A 200 16.92 13.44 -3.72
CA GLU A 200 16.76 14.69 -4.44
C GLU A 200 15.57 14.57 -5.39
N ARG A 201 15.74 13.68 -6.39
CA ARG A 201 14.59 13.56 -7.30
C ARG A 201 14.68 12.30 -8.11
N ILE A 202 13.52 11.89 -8.65
CA ILE A 202 13.47 10.82 -9.63
C ILE A 202 12.82 11.45 -10.87
N VAL A 203 13.51 11.41 -12.01
CA VAL A 203 12.91 12.02 -13.21
C VAL A 203 12.64 10.95 -14.27
N LEU A 204 11.40 10.87 -14.74
CA LEU A 204 10.97 9.87 -15.72
C LEU A 204 10.64 10.55 -17.06
N GLU A 205 10.96 9.91 -18.18
CA GLU A 205 10.63 10.55 -19.46
C GLU A 205 9.79 9.56 -20.28
N ARG A 206 8.91 10.13 -21.09
CA ARG A 206 8.05 9.28 -21.92
C ARG A 206 8.81 8.13 -22.57
N ASN A 207 8.20 6.94 -22.58
CA ASN A 207 8.79 5.76 -23.21
C ASN A 207 8.13 5.60 -24.57
N PRO A 208 8.79 5.93 -25.67
CA PRO A 208 8.17 5.86 -26.98
C PRO A 208 7.88 4.46 -27.47
N GLN A 209 8.39 3.44 -26.81
CA GLN A 209 8.07 2.06 -27.17
C GLN A 209 6.79 1.57 -26.51
N TYR A 210 6.28 2.30 -25.49
CA TYR A 210 5.05 1.87 -24.84
C TYR A 210 3.96 1.68 -25.87
N TRP A 211 3.26 0.56 -25.85
CA TRP A 211 2.20 0.26 -26.80
C TRP A 211 1.12 1.32 -26.87
N ASP A 212 0.76 1.96 -25.77
CA ASP A 212 -0.24 3.02 -25.77
C ASP A 212 0.39 4.41 -25.78
N ASN A 213 1.61 4.59 -26.26
CA ASN A 213 2.33 5.86 -26.27
C ASN A 213 1.62 7.02 -26.94
N ALA A 214 0.86 6.73 -28.02
CA ALA A 214 0.15 7.82 -28.70
C ALA A 214 -0.82 8.53 -27.79
N LYS A 215 -1.37 7.89 -26.75
CA LYS A 215 -2.28 8.53 -25.82
C LYS A 215 -1.59 9.16 -24.60
N THR A 216 -0.30 8.94 -24.43
CA THR A 216 0.43 9.59 -23.32
C THR A 216 0.59 11.07 -23.64
N VAL A 217 0.39 11.97 -22.68
CA VAL A 217 0.51 13.40 -22.92
C VAL A 217 1.68 14.01 -22.18
N ILE A 218 1.86 13.65 -20.89
CA ILE A 218 2.96 14.21 -20.12
C ILE A 218 4.29 13.65 -20.62
N ASN A 219 5.26 14.51 -20.97
CA ASN A 219 6.51 14.02 -21.51
C ASN A 219 7.56 13.71 -20.47
N GLN A 220 7.44 14.33 -19.29
CA GLN A 220 8.37 14.16 -18.19
C GLN A 220 7.68 14.38 -16.85
N VAL A 221 7.90 13.47 -15.90
CA VAL A 221 7.35 13.66 -14.55
C VAL A 221 8.52 13.51 -13.57
N THR A 222 8.56 14.34 -12.55
CA THR A 222 9.62 14.28 -11.53
C THR A 222 8.93 13.87 -10.23
N TYR A 223 9.50 12.90 -9.54
CA TYR A 223 8.98 12.51 -8.23
C TYR A 223 9.97 13.00 -7.18
N LEU A 224 9.50 13.74 -6.18
CA LEU A 224 10.36 14.25 -5.13
C LEU A 224 10.17 13.44 -3.85
N PRO A 225 11.15 13.47 -2.97
CA PRO A 225 11.16 12.63 -1.78
C PRO A 225 10.96 13.41 -0.50
N ILE A 226 10.10 14.39 -0.51
CA ILE A 226 9.93 15.29 0.63
C ILE A 226 9.01 14.69 1.69
N SER A 227 9.52 14.43 2.90
CA SER A 227 8.72 13.79 3.93
C SER A 227 8.03 14.80 4.84
N SER A 228 8.50 16.06 4.76
CA SER A 228 7.81 17.11 5.49
C SER A 228 6.58 17.57 4.70
N GLU A 229 5.39 17.30 5.24
CA GLU A 229 4.15 17.75 4.58
C GLU A 229 4.06 19.28 4.50
N VAL A 230 4.62 20.02 5.46
CA VAL A 230 4.65 21.48 5.42
C VAL A 230 5.50 21.91 4.22
N THR A 231 6.68 21.32 4.09
CA THR A 231 7.57 21.64 2.99
C THR A 231 6.92 21.33 1.65
N ASP A 232 6.24 20.18 1.59
CA ASP A 232 5.54 19.82 0.33
C ASP A 232 4.53 20.89 -0.05
N VAL A 233 3.67 21.25 0.91
CA VAL A 233 2.67 22.29 0.66
C VAL A 233 3.38 23.60 0.27
N ASN A 234 4.46 23.94 0.97
CA ASN A 234 5.16 25.17 0.64
C ASN A 234 5.67 25.16 -0.81
N ARG A 235 6.33 24.11 -1.27
CA ARG A 235 6.86 24.04 -2.63
C ARG A 235 5.77 23.85 -3.67
N TYR A 236 4.61 23.37 -3.24
CA TYR A 236 3.43 23.37 -4.12
C TYR A 236 3.00 24.85 -4.27
N ARG A 237 2.80 25.57 -3.17
CA ARG A 237 2.31 26.95 -3.27
C ARG A 237 3.30 27.91 -3.90
N SER A 238 4.56 27.58 -3.88
CA SER A 238 5.59 28.39 -4.51
C SER A 238 5.59 28.24 -6.03
N GLY A 239 4.97 27.16 -6.54
CA GLY A 239 4.89 26.89 -7.96
C GLY A 239 5.74 25.70 -8.40
N GLU A 240 6.62 25.21 -7.54
CA GLU A 240 7.47 24.08 -7.94
C GLU A 240 6.75 22.73 -8.10
N ILE A 241 5.85 22.42 -7.18
CA ILE A 241 5.16 21.12 -7.16
C ILE A 241 3.76 21.27 -7.72
N ASP A 242 3.36 20.41 -8.64
CA ASP A 242 2.02 20.43 -9.19
C ASP A 242 1.06 19.55 -8.38
N MET A 243 1.53 18.48 -7.77
CA MET A 243 0.66 17.61 -6.98
C MET A 243 1.36 17.23 -5.68
N THR A 244 0.81 17.59 -4.52
CA THR A 244 1.53 17.20 -3.30
C THR A 244 1.41 15.67 -3.14
N TYR A 245 2.14 15.17 -2.12
CA TYR A 245 1.93 13.78 -1.75
C TYR A 245 0.63 13.81 -0.92
N ASN A 246 -0.01 12.67 -0.67
CA ASN A 246 -1.26 12.66 0.03
C ASN A 246 -1.10 12.31 1.51
N ASN A 247 -0.38 13.14 2.22
CA ASN A 247 -0.19 13.24 3.64
C ASN A 247 -0.30 14.77 3.86
N MET A 248 -1.25 15.25 4.64
CA MET A 248 -1.38 16.72 4.77
C MET A 248 -0.96 17.18 6.17
N PRO A 249 -0.35 18.36 6.25
CA PRO A 249 0.16 18.88 7.51
C PRO A 249 -0.91 19.44 8.43
N ILE A 250 -0.81 19.07 9.71
CA ILE A 250 -1.75 19.61 10.70
C ILE A 250 -1.58 21.11 10.77
N GLU A 251 -0.37 21.64 10.66
CA GLU A 251 -0.14 23.06 10.75
C GLU A 251 -0.95 23.92 9.78
N LEU A 252 -1.12 23.49 8.54
CA LEU A 252 -1.70 24.26 7.48
C LEU A 252 -3.05 23.89 6.87
N PHE A 253 -3.51 22.66 7.03
CA PHE A 253 -4.68 22.16 6.36
C PHE A 253 -5.95 22.97 6.48
N GLN A 254 -6.31 23.34 7.73
CA GLN A 254 -7.55 24.12 7.89
C GLN A 254 -7.46 25.40 7.06
N LYS A 255 -6.33 26.09 7.12
CA LYS A 255 -6.07 27.31 6.35
C LYS A 255 -6.22 27.03 4.86
N LEU A 256 -5.62 25.93 4.38
CA LEU A 256 -5.67 25.57 2.97
C LEU A 256 -7.07 25.37 2.42
N LYS A 257 -7.94 24.72 3.21
CA LYS A 257 -9.32 24.54 2.75
C LYS A 257 -10.00 25.89 2.56
N LYS A 258 -9.65 26.88 3.39
CA LYS A 258 -10.30 28.18 3.22
C LYS A 258 -9.55 29.00 2.18
N GLU A 259 -8.25 28.76 2.01
CA GLU A 259 -7.50 29.58 1.06
C GLU A 259 -7.61 29.06 -0.36
N ILE A 260 -7.53 27.74 -0.63
CA ILE A 260 -7.59 27.26 -2.01
C ILE A 260 -8.47 26.01 -2.09
N PRO A 261 -9.74 26.15 -1.72
CA PRO A 261 -10.71 25.08 -1.65
C PRO A 261 -10.77 24.15 -2.84
N ASN A 262 -10.69 24.72 -4.03
CA ASN A 262 -10.74 24.00 -5.28
C ASN A 262 -9.49 23.15 -5.56
N GLU A 263 -8.41 23.42 -4.86
CA GLU A 263 -7.17 22.64 -5.04
C GLU A 263 -7.06 21.51 -4.04
N VAL A 264 -7.80 21.59 -2.95
CA VAL A 264 -7.80 20.60 -1.89
C VAL A 264 -8.70 19.42 -2.26
N ARG A 265 -8.06 18.32 -2.70
CA ARG A 265 -8.88 17.18 -3.11
C ARG A 265 -9.03 16.25 -1.91
N VAL A 266 -10.25 15.83 -1.62
CA VAL A 266 -10.47 14.95 -0.46
C VAL A 266 -11.42 13.87 -0.93
N ASP A 267 -10.90 12.64 -1.03
CA ASP A 267 -11.71 11.55 -1.59
C ASP A 267 -11.57 10.30 -0.74
N PRO A 268 -12.48 9.35 -0.97
CA PRO A 268 -12.44 8.11 -0.20
C PRO A 268 -11.12 7.42 -0.45
N TYR A 269 -10.67 6.63 0.48
CA TYR A 269 -9.35 5.98 0.34
C TYR A 269 -9.36 4.69 1.15
N LEU A 270 -9.01 3.57 0.56
CA LEU A 270 -9.11 2.30 1.33
C LEU A 270 -7.82 2.04 2.08
N CYS A 271 -7.59 2.86 3.13
CA CYS A 271 -6.37 2.74 3.91
C CYS A 271 -6.71 2.87 5.42
N THR A 272 -5.91 2.21 6.24
CA THR A 272 -6.20 2.30 7.68
C THR A 272 -4.93 2.76 8.38
N TYR A 273 -5.10 3.74 9.27
CA TYR A 273 -3.95 4.19 10.07
C TYR A 273 -4.05 3.49 11.42
N TYR A 274 -2.97 2.90 11.90
CA TYR A 274 -3.02 2.18 13.16
C TYR A 274 -1.67 2.18 13.83
N TYR A 275 -1.62 1.75 15.11
CA TYR A 275 -0.32 1.55 15.75
C TYR A 275 -0.11 0.05 15.72
N GLU A 276 0.94 -0.37 14.99
CA GLU A 276 1.32 -1.76 14.85
C GLU A 276 2.09 -2.19 16.10
N ILE A 277 1.57 -3.20 16.79
CA ILE A 277 2.23 -3.70 18.01
C ILE A 277 3.13 -4.86 17.61
N ASN A 278 4.35 -4.96 18.13
CA ASN A 278 5.20 -6.11 17.82
C ASN A 278 4.70 -7.25 18.71
N ASN A 279 3.86 -8.14 18.16
CA ASN A 279 3.22 -9.16 18.94
C ASN A 279 4.15 -10.24 19.50
N GLN A 280 5.38 -10.36 19.05
CA GLN A 280 6.28 -11.38 19.56
C GLN A 280 7.21 -10.89 20.66
N LYS A 281 7.15 -9.63 21.00
CA LYS A 281 8.07 -9.10 21.99
C LYS A 281 7.38 -8.73 23.29
N ALA A 282 7.89 -9.32 24.38
CA ALA A 282 7.37 -8.99 25.70
C ALA A 282 7.69 -7.52 25.97
N PRO A 283 6.79 -6.81 26.62
CA PRO A 283 5.55 -7.37 27.12
C PRO A 283 4.37 -7.31 26.16
N PHE A 284 4.63 -7.07 24.86
CA PHE A 284 3.53 -6.95 23.91
C PHE A 284 2.94 -8.29 23.51
N ASN A 285 3.47 -9.40 24.00
CA ASN A 285 2.89 -10.71 23.75
C ASN A 285 1.76 -10.97 24.76
N ASP A 286 1.50 -10.04 25.68
CA ASP A 286 0.43 -10.17 26.63
C ASP A 286 -0.79 -9.47 26.06
N VAL A 287 -1.91 -10.16 25.82
CA VAL A 287 -3.08 -9.47 25.29
C VAL A 287 -3.61 -8.35 26.14
N ARG A 288 -3.42 -8.40 27.48
CA ARG A 288 -3.92 -7.37 28.37
C ARG A 288 -3.24 -6.03 28.06
N VAL A 289 -1.96 -6.10 27.81
CA VAL A 289 -1.22 -4.89 27.43
C VAL A 289 -1.69 -4.34 26.09
N ARG A 290 -1.79 -5.21 25.08
CA ARG A 290 -2.21 -4.72 23.76
C ARG A 290 -3.60 -4.14 23.83
N THR A 291 -4.53 -4.82 24.51
CA THR A 291 -5.89 -4.33 24.66
C THR A 291 -5.95 -3.01 25.39
N ALA A 292 -5.10 -2.81 26.42
CA ALA A 292 -5.04 -1.56 27.16
C ALA A 292 -4.66 -0.38 26.28
N LEU A 293 -3.59 -0.61 25.48
CA LEU A 293 -3.18 0.43 24.54
C LEU A 293 -4.26 0.74 23.53
N LYS A 294 -4.94 -0.27 23.01
CA LYS A 294 -6.00 -0.06 22.02
C LYS A 294 -7.13 0.76 22.58
N LEU A 295 -7.59 0.37 23.78
CA LEU A 295 -8.71 1.07 24.41
C LEU A 295 -8.37 2.45 24.95
N ALA A 296 -7.18 2.68 25.50
CA ALA A 296 -6.90 4.01 26.07
C ALA A 296 -6.69 5.09 25.03
N LEU A 297 -6.31 4.66 23.80
CA LEU A 297 -6.13 5.70 22.77
C LEU A 297 -7.51 6.30 22.52
N ASP A 298 -7.67 7.61 22.48
CA ASP A 298 -8.93 8.27 22.28
C ASP A 298 -9.04 8.72 20.82
N ARG A 299 -9.69 7.91 19.99
CA ARG A 299 -9.82 8.28 18.57
C ARG A 299 -10.53 9.58 18.30
N ASP A 300 -11.53 9.94 19.11
CA ASP A 300 -12.21 11.20 18.89
C ASP A 300 -11.23 12.38 18.99
N ILE A 301 -10.34 12.38 19.97
CA ILE A 301 -9.39 13.50 20.07
C ILE A 301 -8.45 13.53 18.87
N ILE A 302 -7.87 12.38 18.59
CA ILE A 302 -6.95 12.28 17.45
C ILE A 302 -7.62 12.64 16.13
N VAL A 303 -8.73 11.95 15.84
CA VAL A 303 -9.40 12.17 14.58
C VAL A 303 -10.04 13.52 14.41
N ASN A 304 -10.89 13.95 15.36
CA ASN A 304 -11.57 15.21 15.15
C ASN A 304 -10.88 16.41 15.75
N LYS A 305 -10.14 16.20 16.83
CA LYS A 305 -9.49 17.36 17.46
C LYS A 305 -8.10 17.60 16.93
N VAL A 306 -7.16 16.65 17.00
CA VAL A 306 -5.81 16.99 16.54
C VAL A 306 -5.64 16.98 15.04
N LYS A 307 -6.20 16.03 14.31
CA LYS A 307 -6.00 15.96 12.86
C LYS A 307 -7.09 16.71 12.11
N ASN A 308 -8.35 16.40 12.36
CA ASN A 308 -9.52 16.98 11.75
C ASN A 308 -9.40 17.26 10.25
N GLN A 309 -9.18 16.21 9.47
CA GLN A 309 -9.09 16.31 8.03
C GLN A 309 -10.16 15.48 7.35
N GLY A 310 -11.12 14.96 8.09
CA GLY A 310 -12.18 14.14 7.50
C GLY A 310 -11.97 12.64 7.70
N ASP A 311 -10.94 12.21 8.43
CA ASP A 311 -10.76 10.78 8.68
C ASP A 311 -11.85 10.25 9.61
N LEU A 312 -12.05 8.94 9.60
CA LEU A 312 -13.10 8.34 10.43
C LEU A 312 -12.49 7.44 11.49
N PRO A 313 -12.92 7.57 12.74
CA PRO A 313 -12.43 6.73 13.82
C PRO A 313 -12.50 5.25 13.44
N ALA A 314 -11.45 4.49 13.71
CA ALA A 314 -11.37 3.08 13.31
C ALA A 314 -11.48 2.08 14.44
N TYR A 315 -12.14 0.96 14.12
CA TYR A 315 -12.30 -0.12 15.09
C TYR A 315 -11.93 -1.44 14.48
N SER A 316 -11.41 -1.44 13.24
CA SER A 316 -10.96 -2.65 12.56
C SER A 316 -9.70 -2.36 11.72
N TYR A 317 -9.19 -3.40 11.10
CA TYR A 317 -8.04 -3.30 10.19
C TYR A 317 -8.57 -3.03 8.78
N THR A 318 -9.38 -3.97 8.27
CA THR A 318 -10.03 -3.73 6.98
C THR A 318 -10.97 -2.53 7.06
N PRO A 319 -10.88 -1.54 6.17
CA PRO A 319 -11.79 -0.42 6.18
C PRO A 319 -13.19 -0.95 5.90
N PRO A 320 -14.22 -0.48 6.59
CA PRO A 320 -15.57 -0.99 6.48
C PRO A 320 -16.20 -0.81 5.11
N TYR A 321 -15.66 0.08 4.31
CA TYR A 321 -16.19 0.39 3.01
C TYR A 321 -15.45 -0.34 1.89
N THR A 322 -14.61 -1.30 2.28
CA THR A 322 -13.93 -2.14 1.28
C THR A 322 -15.01 -2.96 0.57
N ASP A 323 -14.86 -3.19 -0.73
CA ASP A 323 -15.87 -4.02 -1.43
C ASP A 323 -15.94 -5.39 -0.78
N GLY A 324 -17.03 -5.80 -0.15
CA GLY A 324 -17.15 -7.13 0.44
C GLY A 324 -17.04 -7.12 1.97
N ALA A 325 -16.79 -5.94 2.55
CA ALA A 325 -16.70 -5.82 3.99
C ALA A 325 -18.11 -5.52 4.56
N LYS A 326 -18.48 -6.36 5.53
CA LYS A 326 -19.74 -6.22 6.25
C LYS A 326 -19.37 -6.45 7.72
N LEU A 327 -18.61 -5.47 8.28
CA LEU A 327 -18.02 -5.69 9.59
C LEU A 327 -18.93 -5.35 10.77
N VAL A 328 -18.67 -6.06 11.86
CA VAL A 328 -19.41 -5.83 13.10
C VAL A 328 -18.58 -4.89 13.98
N GLU A 329 -19.13 -3.74 14.29
CA GLU A 329 -18.52 -2.75 15.18
C GLU A 329 -18.57 -3.30 16.60
N PRO A 330 -17.42 -3.49 17.22
CA PRO A 330 -17.34 -4.09 18.54
C PRO A 330 -17.96 -3.17 19.57
N GLU A 331 -18.40 -3.73 20.70
CA GLU A 331 -19.04 -2.95 21.76
C GLU A 331 -18.15 -1.91 22.40
N TRP A 332 -16.85 -2.16 22.55
CA TRP A 332 -15.91 -1.17 23.09
C TRP A 332 -15.91 0.13 22.32
N PHE A 333 -16.15 0.12 21.01
CA PHE A 333 -16.11 1.32 20.19
C PHE A 333 -17.26 2.27 20.50
N LYS A 334 -18.37 1.71 21.00
CA LYS A 334 -19.55 2.48 21.36
C LYS A 334 -19.50 2.99 22.81
N TRP A 335 -18.62 2.45 23.64
CA TRP A 335 -18.51 2.92 25.01
C TRP A 335 -18.02 4.38 25.06
N SER A 336 -17.99 4.91 26.29
CA SER A 336 -17.46 6.27 26.49
C SER A 336 -15.93 6.09 26.57
N GLN A 337 -15.16 7.14 26.34
CA GLN A 337 -13.70 6.99 26.50
C GLN A 337 -13.31 6.69 27.93
N GLN A 338 -14.08 7.26 28.87
CA GLN A 338 -13.89 7.03 30.30
C GLN A 338 -13.94 5.56 30.65
N LYS A 339 -14.99 4.90 30.13
CA LYS A 339 -15.16 3.46 30.32
C LYS A 339 -14.04 2.65 29.67
N ARG A 340 -13.63 3.05 28.46
CA ARG A 340 -12.44 2.42 27.85
C ARG A 340 -11.20 2.65 28.73
N ASN A 341 -11.02 3.86 29.22
CA ASN A 341 -9.88 4.17 30.07
C ASN A 341 -9.84 3.29 31.33
N GLU A 342 -10.95 3.13 32.04
CA GLU A 342 -10.94 2.28 33.24
C GLU A 342 -10.56 0.85 32.93
N GLU A 343 -11.21 0.26 31.91
CA GLU A 343 -10.87 -1.12 31.51
C GLU A 343 -9.39 -1.25 31.18
N ALA A 344 -8.82 -0.29 30.47
CA ALA A 344 -7.41 -0.27 30.08
C ALA A 344 -6.50 -0.27 31.31
N LYS A 345 -6.75 0.70 32.19
CA LYS A 345 -6.00 0.80 33.44
C LYS A 345 -6.11 -0.52 34.21
N LYS A 346 -7.34 -1.04 34.26
CA LYS A 346 -7.58 -2.34 34.90
C LYS A 346 -6.72 -3.45 34.32
N LEU A 347 -6.63 -3.56 32.98
CA LEU A 347 -5.83 -4.60 32.36
C LEU A 347 -4.33 -4.47 32.63
N LEU A 348 -3.80 -3.24 32.64
CA LEU A 348 -2.37 -3.07 32.92
C LEU A 348 -2.08 -3.34 34.40
N ALA A 349 -3.00 -2.92 35.25
CA ALA A 349 -2.81 -3.21 36.70
C ALA A 349 -2.80 -4.73 36.84
N GLU A 350 -3.76 -5.39 36.16
CA GLU A 350 -3.80 -6.84 36.14
C GLU A 350 -2.50 -7.40 35.58
N ALA A 351 -1.92 -6.79 34.54
CA ALA A 351 -0.68 -7.29 33.95
C ALA A 351 0.58 -7.06 34.77
N GLY A 352 0.52 -6.42 35.93
CA GLY A 352 1.66 -6.22 36.78
C GLY A 352 2.29 -4.84 36.73
N PHE A 353 1.67 -3.88 36.06
CA PHE A 353 2.26 -2.55 35.99
C PHE A 353 1.75 -1.63 37.10
N THR A 354 2.63 -0.80 37.63
CA THR A 354 2.30 0.10 38.72
C THR A 354 2.87 1.49 38.52
N ALA A 355 2.47 2.46 39.35
CA ALA A 355 3.07 3.79 39.28
C ALA A 355 4.59 3.67 39.44
N ASP A 356 5.08 2.81 40.33
CA ASP A 356 6.51 2.62 40.55
C ASP A 356 7.18 1.81 39.46
N LYS A 357 6.50 0.87 38.80
CA LYS A 357 7.16 0.13 37.70
C LYS A 357 6.22 0.20 36.49
N PRO A 358 6.16 1.38 35.89
CA PRO A 358 5.19 1.64 34.83
C PRO A 358 5.59 1.01 33.50
N LEU A 359 4.67 1.14 32.56
CA LEU A 359 4.91 0.57 31.22
C LEU A 359 5.61 1.63 30.37
N THR A 360 6.83 1.27 29.95
CA THR A 360 7.58 2.22 29.13
C THR A 360 8.11 1.52 27.90
N PHE A 361 7.82 2.13 26.73
CA PHE A 361 8.23 1.52 25.47
C PHE A 361 8.40 2.54 24.35
N ASP A 362 8.92 2.09 23.18
CA ASP A 362 9.16 3.07 22.11
C ASP A 362 8.02 3.18 21.12
N LEU A 363 7.91 4.32 20.47
CA LEU A 363 6.87 4.52 19.45
C LEU A 363 7.67 5.01 18.23
N LEU A 364 7.79 4.08 17.29
CA LEU A 364 8.59 4.33 16.09
C LEU A 364 7.73 4.88 14.96
N TYR A 365 8.21 5.89 14.26
CA TYR A 365 7.40 6.41 13.16
C TYR A 365 8.37 6.85 12.06
N ASN A 366 7.87 6.89 10.83
CA ASN A 366 8.74 7.37 9.75
C ASN A 366 8.69 8.89 9.77
N THR A 367 9.88 9.51 9.67
CA THR A 367 10.01 10.97 9.62
C THR A 367 8.91 11.65 8.85
N SER A 368 8.17 12.58 9.48
CA SER A 368 7.01 13.21 8.92
C SER A 368 6.45 14.24 9.89
N ASP A 369 5.94 15.35 9.35
CA ASP A 369 5.37 16.34 10.29
C ASP A 369 4.08 15.80 10.86
N LEU A 370 3.24 15.19 10.03
CA LEU A 370 2.00 14.56 10.43
C LEU A 370 2.19 13.42 11.42
N HIS A 371 3.12 12.49 11.18
CA HIS A 371 3.21 11.33 12.07
C HIS A 371 3.80 11.75 13.42
N LYS A 372 4.70 12.73 13.38
CA LYS A 372 5.29 13.21 14.63
C LYS A 372 4.20 13.88 15.48
N LYS A 373 3.43 14.78 14.88
CA LYS A 373 2.33 15.40 15.63
C LYS A 373 1.35 14.39 16.19
N LEU A 374 0.93 13.38 15.41
CA LEU A 374 0.07 12.32 15.88
C LEU A 374 0.74 11.48 16.97
N ALA A 375 2.00 11.16 16.83
CA ALA A 375 2.67 10.38 17.88
C ALA A 375 2.78 11.16 19.21
N ILE A 376 3.07 12.45 19.14
CA ILE A 376 3.16 13.27 20.36
C ILE A 376 1.81 13.27 21.05
N ALA A 377 0.72 13.46 20.29
CA ALA A 377 -0.64 13.46 20.80
C ALA A 377 -1.03 12.12 21.41
N VAL A 378 -0.65 11.04 20.74
CA VAL A 378 -0.92 9.69 21.23
C VAL A 378 -0.10 9.44 22.50
N ALA A 379 1.15 9.92 22.52
CA ALA A 379 1.96 9.76 23.71
C ALA A 379 1.32 10.45 24.92
N SER A 380 0.82 11.66 24.75
CA SER A 380 0.20 12.42 25.83
C SER A 380 -1.13 11.80 26.25
N ILE A 381 -1.89 11.27 25.29
CA ILE A 381 -3.17 10.62 25.59
C ILE A 381 -2.92 9.37 26.41
N TRP A 382 -1.97 8.55 26.01
CA TRP A 382 -1.60 7.33 26.70
C TRP A 382 -0.99 7.61 28.08
N LYS A 383 -0.25 8.69 28.18
CA LYS A 383 0.32 9.12 29.46
C LYS A 383 -0.83 9.51 30.41
N LYS A 384 -1.66 10.40 29.96
CA LYS A 384 -2.80 10.91 30.71
C LYS A 384 -3.87 9.88 31.02
N ASN A 385 -4.18 9.00 30.07
CA ASN A 385 -5.27 8.06 30.23
C ASN A 385 -4.85 6.75 30.86
N LEU A 386 -3.60 6.35 30.63
CA LEU A 386 -3.19 5.03 31.14
C LEU A 386 -1.92 5.02 31.96
N GLY A 387 -1.25 6.14 32.16
CA GLY A 387 0.00 6.21 32.89
C GLY A 387 1.17 5.50 32.22
N VAL A 388 1.14 5.37 30.89
CA VAL A 388 2.27 4.72 30.20
C VAL A 388 3.16 5.80 29.59
N ASN A 389 4.46 5.53 29.55
CA ASN A 389 5.47 6.41 29.03
C ASN A 389 6.01 5.86 27.70
N VAL A 390 6.13 6.78 26.75
CA VAL A 390 6.61 6.34 25.43
C VAL A 390 7.79 7.18 24.97
N ASN A 391 8.75 6.56 24.33
CA ASN A 391 9.89 7.24 23.76
C ASN A 391 9.68 7.21 22.24
N LEU A 392 9.53 8.41 21.72
CA LEU A 392 9.29 8.60 20.31
C LEU A 392 10.59 8.43 19.55
N GLU A 393 10.47 7.78 18.39
CA GLU A 393 11.69 7.61 17.57
C GLU A 393 11.28 7.73 16.10
N ASN A 394 11.98 8.60 15.35
CA ASN A 394 11.65 8.68 13.93
C ASN A 394 12.75 7.96 13.17
N GLN A 395 12.41 7.43 11.98
CA GLN A 395 13.39 6.81 11.11
C GLN A 395 12.98 7.12 9.65
N GLU A 396 13.95 7.24 8.74
CA GLU A 396 13.52 7.51 7.36
C GLU A 396 12.72 6.32 6.81
N TRP A 397 11.86 6.53 5.84
CA TRP A 397 10.99 5.49 5.30
C TRP A 397 11.58 4.13 5.07
N LYS A 398 12.63 4.02 4.23
CA LYS A 398 13.21 2.73 3.91
C LYS A 398 13.70 1.97 5.15
N THR A 399 14.38 2.69 6.03
CA THR A 399 14.88 2.09 7.28
C THR A 399 13.77 1.66 8.22
N PHE A 400 12.76 2.48 8.36
CA PHE A 400 11.54 2.21 9.11
C PHE A 400 10.85 0.92 8.70
N LEU A 401 10.71 0.68 7.38
CA LEU A 401 10.11 -0.59 6.95
C LEU A 401 10.98 -1.79 7.30
N ASP A 402 12.31 -1.60 7.13
CA ASP A 402 13.20 -2.71 7.45
C ASP A 402 13.15 -3.01 8.95
N THR A 403 13.10 -2.00 9.80
CA THR A 403 12.98 -2.24 11.24
C THR A 403 11.77 -3.08 11.58
N ARG A 404 10.62 -2.76 11.01
CA ARG A 404 9.38 -3.51 11.26
C ARG A 404 9.53 -4.95 10.80
N HIS A 405 10.09 -5.19 9.61
CA HIS A 405 10.34 -6.58 9.21
C HIS A 405 11.31 -7.28 10.16
N GLN A 406 12.32 -6.57 10.64
CA GLN A 406 13.29 -7.17 11.54
C GLN A 406 12.67 -7.52 12.88
N GLY A 407 11.61 -6.79 13.26
CA GLY A 407 10.99 -7.01 14.55
C GLY A 407 11.90 -6.30 15.56
N THR A 408 12.63 -5.23 15.16
CA THR A 408 13.47 -4.58 16.20
C THR A 408 12.76 -3.35 16.75
N PHE A 409 11.53 -3.62 17.25
CA PHE A 409 10.66 -2.60 17.75
C PHE A 409 9.62 -3.07 18.77
N ASP A 410 8.96 -2.06 19.32
CA ASP A 410 7.91 -2.22 20.32
C ASP A 410 6.56 -1.91 19.69
N VAL A 411 6.32 -0.63 19.43
CA VAL A 411 5.13 -0.17 18.76
C VAL A 411 5.58 0.74 17.60
N ALA A 412 4.93 0.63 16.46
CA ALA A 412 5.21 1.50 15.34
C ALA A 412 3.94 2.04 14.73
N ARG A 413 4.02 3.28 14.28
CA ARG A 413 2.97 3.96 13.52
C ARG A 413 2.84 3.15 12.23
N ALA A 414 1.66 3.03 11.64
CA ALA A 414 1.55 2.24 10.43
C ALA A 414 0.30 2.59 9.64
N GLY A 415 0.39 2.22 8.35
CA GLY A 415 -0.78 2.46 7.49
C GLY A 415 -0.75 1.33 6.44
N TRP A 416 -1.93 0.81 6.14
CA TRP A 416 -2.02 -0.20 5.07
C TRP A 416 -3.11 0.29 4.10
N CYS A 417 -2.79 0.30 2.82
CA CYS A 417 -3.75 0.65 1.78
C CYS A 417 -3.98 -0.58 0.90
N ALA A 418 -5.20 -0.80 0.49
CA ALA A 418 -5.55 -1.97 -0.30
C ALA A 418 -4.72 -2.02 -1.59
N ASP A 419 -4.42 -3.24 -2.00
CA ASP A 419 -3.76 -3.49 -3.29
C ASP A 419 -4.80 -3.92 -4.31
N TYR A 420 -5.90 -4.44 -3.80
CA TYR A 420 -7.06 -4.82 -4.63
C TYR A 420 -8.30 -4.60 -3.75
N ASN A 421 -9.44 -4.22 -4.33
CA ASN A 421 -10.58 -3.90 -3.44
C ASN A 421 -11.38 -5.11 -2.99
N GLU A 422 -10.88 -5.76 -1.95
CA GLU A 422 -11.56 -6.98 -1.40
C GLU A 422 -10.92 -7.14 -0.03
N PRO A 423 -11.65 -7.57 0.99
CA PRO A 423 -11.14 -7.67 2.35
C PRO A 423 -9.85 -8.43 2.56
N THR A 424 -9.55 -9.45 1.76
CA THR A 424 -8.33 -10.23 1.92
C THR A 424 -7.08 -9.44 1.57
N SER A 425 -7.18 -8.34 0.83
CA SER A 425 -6.02 -7.48 0.59
C SER A 425 -5.51 -6.93 1.93
N PHE A 426 -6.43 -6.77 2.91
CA PHE A 426 -5.95 -6.44 4.25
C PHE A 426 -5.70 -7.71 5.06
N LEU A 427 -6.71 -8.60 5.16
CA LEU A 427 -6.66 -9.76 6.05
C LEU A 427 -5.51 -10.73 5.83
N ASN A 428 -5.10 -10.92 4.58
CA ASN A 428 -4.01 -11.82 4.23
C ASN A 428 -2.67 -11.41 4.83
N THR A 429 -2.51 -10.12 5.12
CA THR A 429 -1.28 -9.63 5.72
C THR A 429 -1.17 -10.01 7.19
N MET A 430 -2.24 -10.49 7.81
CA MET A 430 -2.14 -10.93 9.20
C MET A 430 -2.03 -12.46 9.34
N LEU A 431 -1.91 -13.17 8.22
CA LEU A 431 -1.68 -14.61 8.23
C LEU A 431 -0.31 -14.86 8.86
N SER A 432 -0.20 -15.93 9.67
CA SER A 432 1.02 -16.29 10.35
C SER A 432 2.25 -16.22 9.48
N ASP A 433 2.17 -16.81 8.29
CA ASP A 433 3.29 -16.88 7.38
C ASP A 433 3.33 -15.79 6.31
N SER A 434 2.57 -14.73 6.41
CA SER A 434 2.62 -13.68 5.38
C SER A 434 3.93 -12.92 5.40
N SER A 435 4.50 -12.69 4.22
CA SER A 435 5.69 -11.85 4.13
C SER A 435 5.38 -10.41 4.52
N ASN A 436 4.11 -9.95 4.48
CA ASN A 436 3.75 -8.59 4.87
C ASN A 436 3.38 -8.44 6.35
N ASN A 437 3.51 -9.53 7.13
CA ASN A 437 3.12 -9.52 8.52
C ASN A 437 4.18 -8.94 9.44
N THR A 438 4.18 -7.59 9.50
CA THR A 438 5.13 -6.90 10.36
C THR A 438 4.57 -6.77 11.75
N ALA A 439 3.31 -7.18 11.97
CA ALA A 439 2.80 -7.16 13.35
C ALA A 439 3.37 -8.38 14.08
N HIS A 440 3.89 -9.34 13.33
CA HIS A 440 4.44 -10.59 13.81
C HIS A 440 3.36 -11.36 14.58
N TYR A 441 2.13 -11.22 14.11
CA TYR A 441 0.94 -11.83 14.68
C TYR A 441 0.78 -13.24 14.11
N LYS A 442 0.56 -14.21 15.01
CA LYS A 442 0.44 -15.61 14.58
C LYS A 442 -0.73 -16.24 15.33
N SER A 443 -1.82 -16.42 14.61
CA SER A 443 -3.05 -16.97 15.16
C SER A 443 -3.62 -18.06 14.25
N PRO A 444 -3.62 -19.31 14.75
CA PRO A 444 -4.16 -20.44 14.02
C PRO A 444 -5.65 -20.24 13.80
N ALA A 445 -6.35 -19.68 14.77
CA ALA A 445 -7.79 -19.39 14.65
C ALA A 445 -8.03 -18.39 13.49
N PHE A 446 -7.24 -17.31 13.51
CA PHE A 446 -7.31 -16.34 12.40
C PHE A 446 -6.91 -16.98 11.09
N ASP A 447 -5.84 -17.76 10.99
CA ASP A 447 -5.46 -18.37 9.72
C ASP A 447 -6.54 -19.26 9.13
N LYS A 448 -7.16 -20.07 10.00
CA LYS A 448 -8.24 -20.95 9.58
C LYS A 448 -9.43 -20.18 9.04
N LEU A 449 -9.89 -19.11 9.68
CA LEU A 449 -11.01 -18.33 9.16
C LEU A 449 -10.76 -17.86 7.74
N ILE A 450 -9.58 -17.33 7.43
CA ILE A 450 -9.28 -16.88 6.07
C ILE A 450 -9.11 -18.05 5.11
N ALA A 451 -8.55 -19.17 5.56
CA ALA A 451 -8.37 -20.33 4.69
C ALA A 451 -9.74 -20.81 4.19
N ASP A 452 -10.71 -20.78 5.10
CA ASP A 452 -12.08 -21.15 4.83
C ASP A 452 -12.80 -20.27 3.83
N THR A 453 -12.42 -19.01 3.65
CA THR A 453 -13.08 -18.15 2.70
C THR A 453 -13.04 -18.65 1.27
N LEU A 454 -12.05 -19.41 0.81
CA LEU A 454 -12.08 -19.87 -0.58
C LEU A 454 -12.59 -21.32 -0.64
N LYS A 455 -12.97 -21.86 0.51
CA LYS A 455 -13.51 -23.20 0.58
C LYS A 455 -15.03 -23.20 0.49
N VAL A 456 -15.63 -22.02 0.49
CA VAL A 456 -17.06 -21.82 0.29
C VAL A 456 -17.14 -21.15 -1.09
N ALA A 457 -18.28 -21.20 -1.76
CA ALA A 457 -18.39 -20.55 -3.07
C ALA A 457 -19.59 -19.60 -2.97
N ASP A 458 -19.63 -18.96 -1.81
CA ASP A 458 -20.76 -18.10 -1.44
C ASP A 458 -20.24 -16.78 -0.90
N ASP A 459 -20.66 -15.67 -1.51
CA ASP A 459 -20.25 -14.34 -1.11
C ASP A 459 -20.65 -13.94 0.30
N THR A 460 -21.82 -14.29 0.80
CA THR A 460 -22.22 -13.93 2.16
C THR A 460 -21.45 -14.73 3.20
N GLN A 461 -21.22 -16.02 2.89
CA GLN A 461 -20.46 -16.81 3.88
C GLN A 461 -19.04 -16.21 3.93
N ARG A 462 -18.54 -15.84 2.73
CA ARG A 462 -17.20 -15.24 2.71
C ARG A 462 -17.18 -13.94 3.53
N SER A 463 -18.16 -13.07 3.36
CA SER A 463 -18.20 -11.81 4.10
C SER A 463 -18.35 -12.02 5.60
N GLU A 464 -19.12 -13.05 5.99
CA GLU A 464 -19.29 -13.40 7.41
C GLU A 464 -17.96 -13.89 7.97
N LEU A 465 -17.18 -14.64 7.19
CA LEU A 465 -15.87 -15.10 7.62
C LEU A 465 -14.89 -13.93 7.77
N TYR A 466 -14.93 -12.95 6.85
CA TYR A 466 -14.05 -11.79 7.04
C TYR A 466 -14.42 -11.06 8.32
N ALA A 467 -15.74 -10.87 8.55
CA ALA A 467 -16.18 -10.20 9.78
C ALA A 467 -15.66 -10.96 10.99
N LYS A 468 -15.79 -12.29 10.98
CA LYS A 468 -15.28 -13.09 12.11
C LYS A 468 -13.77 -13.01 12.27
N ALA A 469 -13.05 -12.97 11.14
CA ALA A 469 -11.59 -12.81 11.16
C ALA A 469 -11.25 -11.48 11.80
N GLU A 470 -12.01 -10.39 11.47
CA GLU A 470 -11.71 -9.11 12.10
C GLU A 470 -11.98 -9.19 13.60
N GLN A 471 -13.05 -9.89 14.01
CA GLN A 471 -13.34 -10.08 15.42
C GLN A 471 -12.23 -10.90 16.08
N GLN A 472 -11.66 -11.89 15.40
CA GLN A 472 -10.52 -12.61 16.01
C GLN A 472 -9.34 -11.67 16.25
N LEU A 473 -9.02 -10.87 15.23
CA LEU A 473 -7.94 -9.89 15.31
C LEU A 473 -8.16 -8.93 16.46
N ASP A 474 -9.37 -8.37 16.62
CA ASP A 474 -9.75 -7.44 17.65
C ASP A 474 -9.70 -8.05 19.06
N LYS A 475 -10.24 -9.25 19.15
CA LYS A 475 -10.19 -10.01 20.41
C LYS A 475 -8.74 -10.16 20.86
N ASP A 476 -7.81 -10.40 19.95
CA ASP A 476 -6.41 -10.52 20.31
C ASP A 476 -5.70 -9.18 20.40
N SER A 477 -6.35 -8.09 19.97
CA SER A 477 -5.72 -6.78 19.97
C SER A 477 -4.35 -6.85 19.31
N ALA A 478 -4.36 -7.43 18.10
CA ALA A 478 -3.11 -7.52 17.31
C ALA A 478 -2.60 -6.10 17.06
N ILE A 479 -3.49 -5.17 16.74
CA ILE A 479 -3.07 -3.79 16.46
C ILE A 479 -3.92 -2.79 17.21
N VAL A 480 -3.58 -1.50 17.04
CA VAL A 480 -4.37 -0.41 17.56
C VAL A 480 -4.90 0.39 16.37
N PRO A 481 -6.11 0.10 15.94
CA PRO A 481 -6.74 0.87 14.89
C PRO A 481 -6.90 2.30 15.32
N VAL A 482 -6.57 3.23 14.41
CA VAL A 482 -6.71 4.64 14.73
C VAL A 482 -7.79 5.30 13.87
N TYR A 483 -7.60 5.37 12.54
CA TYR A 483 -8.64 5.98 11.73
C TYR A 483 -8.60 5.40 10.31
N TYR A 484 -9.68 5.56 9.60
CA TYR A 484 -9.66 5.15 8.18
C TYR A 484 -9.32 6.45 7.46
N TYR A 485 -8.35 6.37 6.55
CA TYR A 485 -7.94 7.58 5.88
C TYR A 485 -8.95 8.10 4.86
N VAL A 486 -8.82 9.40 4.60
CA VAL A 486 -9.37 10.04 3.44
C VAL A 486 -8.10 10.34 2.60
N ASN A 487 -8.24 10.42 1.31
CA ASN A 487 -7.14 10.75 0.41
C ASN A 487 -7.11 12.28 0.21
N ALA A 488 -6.37 13.01 1.02
CA ALA A 488 -6.29 14.46 0.97
C ALA A 488 -4.97 14.92 0.39
N ARG A 489 -5.00 15.69 -0.70
CA ARG A 489 -3.78 16.20 -1.30
C ARG A 489 -4.11 17.50 -2.06
N LEU A 490 -3.08 18.24 -2.46
CA LEU A 490 -3.35 19.44 -3.25
C LEU A 490 -3.01 19.15 -4.70
N VAL A 491 -3.80 19.63 -5.66
CA VAL A 491 -3.60 19.35 -7.08
C VAL A 491 -3.85 20.64 -7.85
N LYS A 492 -2.89 21.12 -8.64
CA LYS A 492 -3.05 22.44 -9.28
C LYS A 492 -4.23 22.38 -10.22
N PRO A 493 -4.87 23.53 -10.48
CA PRO A 493 -6.04 23.55 -11.34
C PRO A 493 -5.70 23.16 -12.77
N TRP A 494 -4.46 23.26 -13.20
CA TRP A 494 -4.09 22.92 -14.57
C TRP A 494 -3.74 21.45 -14.72
N VAL A 495 -3.78 20.65 -13.65
CA VAL A 495 -3.52 19.21 -13.82
C VAL A 495 -4.83 18.50 -14.16
N GLY A 496 -4.97 18.03 -15.39
CA GLY A 496 -6.19 17.32 -15.75
C GLY A 496 -6.01 15.80 -15.59
N GLY A 497 -7.13 15.09 -15.49
CA GLY A 497 -7.07 13.62 -15.49
C GLY A 497 -7.13 12.92 -14.14
N TYR A 498 -7.05 13.69 -13.06
CA TYR A 498 -7.10 13.10 -11.71
C TYR A 498 -8.53 13.26 -11.18
N THR A 499 -9.29 12.18 -11.21
CA THR A 499 -10.68 12.14 -10.86
C THR A 499 -10.89 12.16 -9.35
N GLY A 500 -10.04 11.41 -8.66
CA GLY A 500 -10.18 11.21 -7.22
C GLY A 500 -11.17 10.05 -7.01
N LYS A 501 -11.61 9.43 -8.09
CA LYS A 501 -12.59 8.35 -8.00
C LYS A 501 -12.02 6.99 -7.63
N ASP A 502 -10.72 6.77 -7.79
CA ASP A 502 -10.13 5.48 -7.44
C ASP A 502 -9.84 5.44 -5.95
N PRO A 503 -10.51 4.57 -5.20
CA PRO A 503 -10.30 4.47 -3.76
C PRO A 503 -8.94 3.86 -3.41
N LEU A 504 -8.24 3.28 -4.38
CA LEU A 504 -6.90 2.78 -4.21
C LEU A 504 -5.83 3.82 -4.61
N ASP A 505 -6.25 4.89 -5.27
CA ASP A 505 -5.35 5.95 -5.71
C ASP A 505 -4.20 5.40 -6.55
N ASN A 506 -4.56 4.55 -7.51
CA ASN A 506 -3.57 3.94 -8.43
C ASN A 506 -3.38 4.90 -9.61
N ILE A 507 -2.65 5.99 -9.39
CA ILE A 507 -2.52 6.99 -10.48
C ILE A 507 -1.46 6.55 -11.47
N TYR A 508 -1.75 6.83 -12.73
CA TYR A 508 -0.80 6.62 -13.81
C TYR A 508 -0.56 8.01 -14.43
N VAL A 509 0.68 8.47 -14.50
CA VAL A 509 0.95 9.79 -15.11
C VAL A 509 0.62 9.79 -16.60
N LYS A 510 0.54 8.62 -17.26
CA LYS A 510 0.09 8.53 -18.65
C LYS A 510 -1.36 9.00 -18.85
N ASN A 511 -2.15 9.08 -17.80
CA ASN A 511 -3.53 9.49 -17.86
C ASN A 511 -3.70 10.98 -17.58
N LEU A 512 -2.63 11.70 -17.23
CA LEU A 512 -2.82 13.10 -16.85
C LEU A 512 -2.43 14.04 -18.01
N TYR A 513 -2.73 15.30 -17.83
CA TYR A 513 -2.40 16.30 -18.88
C TYR A 513 -2.35 17.67 -18.23
N ILE A 514 -1.54 18.55 -18.81
CA ILE A 514 -1.39 19.91 -18.29
C ILE A 514 -2.22 20.88 -19.15
N ILE A 515 -3.17 21.53 -18.52
CA ILE A 515 -4.03 22.50 -19.22
C ILE A 515 -3.31 23.82 -19.35
N LYS A 516 -3.43 24.51 -20.48
CA LYS A 516 -2.76 25.79 -20.65
C LYS A 516 -3.11 26.73 -19.49
N HIS A 517 -2.10 27.34 -18.93
CA HIS A 517 -2.35 28.30 -17.85
C HIS A 517 -1.24 29.34 -17.85
N LYS B 1 -0.54 -2.25 0.30
CA LYS B 1 0.77 -1.55 0.31
C LYS B 1 0.94 -0.68 1.55
N LYS B 3 1.78 2.47 3.94
CA LYS B 3 1.68 3.91 3.76
C LYS B 3 2.14 4.69 5.01
#